data_8C3Z
#
_entry.id   8C3Z
#
_cell.length_a   82.241
_cell.length_b   112.415
_cell.length_c   62.429
_cell.angle_alpha   90.00
_cell.angle_beta   90.00
_cell.angle_gamma   90.00
#
_symmetry.space_group_name_H-M   'C 2 2 21'
#
loop_
_entity.id
_entity.type
_entity.pdbx_description
1 polymer '14-3-3 protein sigma'
2 polymer 'Estrogen receptor'
3 non-polymer 'MAGNESIUM ION'
4 water water
#
loop_
_entity_poly.entity_id
_entity_poly.type
_entity_poly.pdbx_seq_one_letter_code
_entity_poly.pdbx_strand_id
1 'polypeptide(L)'
;GAMGSMERASLIQKAKLAEQAERYEDMAAFMKGAVEKGEELSCEERNLLSVAYKNVVGGQRAAWRVLSSIEQKSNEEGSE
EKGPEVREYREKVETELQGVCDTVLGLLDSHLIKEAGDAESRVFYLKMKGDYYRYLAEVATGDDKKRIIDSARSAYQEAM
DISKKEMPPTNPIRLGLALNFSVFHYEIANSPEEAISLAKTTFDEAMADLHTLSEDSYKDSTLIMQLLRDNLTLWT
;
A
2 'polypeptide(L)' AEGRRA(TPO)VPWSHPQFEK B
#
loop_
_chem_comp.id
_chem_comp.type
_chem_comp.name
_chem_comp.formula
MG non-polymer 'MAGNESIUM ION' 'Mg 2'
#
# COMPACT_ATOMS: atom_id res chain seq x y z
N GLY A 1 -19.14 -16.35 -0.79
CA GLY A 1 -19.06 -14.95 -1.14
C GLY A 1 -20.15 -14.56 -2.13
N ALA A 2 -20.58 -13.29 -2.05
CA ALA A 2 -21.64 -12.81 -2.92
C ALA A 2 -21.25 -12.81 -4.39
N MET A 3 -19.97 -12.89 -4.70
CA MET A 3 -19.50 -12.95 -6.08
C MET A 3 -19.26 -14.36 -6.57
N GLY A 4 -19.57 -15.37 -5.75
CA GLY A 4 -19.28 -16.73 -6.14
C GLY A 4 -19.99 -17.20 -7.39
N SER A 5 -21.14 -16.62 -7.71
CA SER A 5 -21.88 -17.05 -8.89
C SER A 5 -21.50 -16.30 -10.17
N MET A 6 -20.62 -15.31 -10.11
CA MET A 6 -20.27 -14.55 -11.29
C MET A 6 -18.96 -15.07 -11.89
N GLU A 7 -18.92 -15.14 -13.22
CA GLU A 7 -17.72 -15.55 -13.94
C GLU A 7 -16.52 -14.67 -13.61
N ARG A 8 -15.34 -15.29 -13.53
CA ARG A 8 -14.10 -14.54 -13.31
C ARG A 8 -13.95 -13.40 -14.31
N ALA A 9 -14.16 -13.68 -15.61
CA ALA A 9 -13.94 -12.64 -16.60
C ALA A 9 -14.95 -11.49 -16.42
N SER A 10 -16.18 -11.83 -16.02
CA SER A 10 -17.20 -10.79 -15.80
C SER A 10 -16.84 -9.93 -14.59
N LEU A 11 -16.27 -10.54 -13.55
CA LEU A 11 -15.82 -9.76 -12.39
C LEU A 11 -14.72 -8.79 -12.78
N ILE A 12 -13.75 -9.25 -13.61
N ILE A 12 -13.76 -9.23 -13.61
CA ILE A 12 -12.68 -8.36 -14.07
CA ILE A 12 -12.70 -8.33 -14.05
C ILE A 12 -13.26 -7.24 -14.92
C ILE A 12 -13.26 -7.22 -14.93
N GLN A 13 -14.14 -7.58 -15.87
CA GLN A 13 -14.80 -6.55 -16.68
C GLN A 13 -15.53 -5.52 -15.83
N LYS A 14 -16.28 -5.98 -14.83
CA LYS A 14 -17.01 -5.06 -13.97
C LYS A 14 -16.09 -4.25 -13.06
N ALA A 15 -14.96 -4.83 -12.63
CA ALA A 15 -13.98 -4.04 -11.89
C ALA A 15 -13.50 -2.85 -12.71
N LYS A 16 -13.27 -3.06 -14.01
CA LYS A 16 -12.80 -1.97 -14.86
C LYS A 16 -13.90 -0.93 -15.07
N LEU A 17 -15.16 -1.37 -15.19
CA LEU A 17 -16.27 -0.43 -15.30
C LEU A 17 -16.41 0.37 -14.01
N ALA A 18 -16.30 -0.32 -12.86
CA ALA A 18 -16.40 0.37 -11.58
C ALA A 18 -15.31 1.42 -11.45
N GLU A 19 -14.10 1.12 -11.88
CA GLU A 19 -13.03 2.12 -11.84
C GLU A 19 -13.41 3.35 -12.66
N GLN A 20 -13.93 3.14 -13.87
CA GLN A 20 -14.34 4.25 -14.73
C GLN A 20 -15.43 5.08 -14.06
N ALA A 21 -16.32 4.44 -13.31
CA ALA A 21 -17.41 5.11 -12.63
C ALA A 21 -17.02 5.66 -11.27
N GLU A 22 -15.76 5.47 -10.86
CA GLU A 22 -15.26 5.90 -9.55
C GLU A 22 -16.03 5.25 -8.41
N ARG A 23 -16.39 3.99 -8.60
CA ARG A 23 -17.10 3.17 -7.62
C ARG A 23 -16.10 2.17 -7.04
N TYR A 24 -15.25 2.66 -6.16
CA TYR A 24 -14.10 1.86 -5.74
C TYR A 24 -14.47 0.75 -4.77
N GLU A 25 -15.50 0.93 -3.95
CA GLU A 25 -15.99 -0.18 -3.13
C GLU A 25 -16.47 -1.32 -4.02
N ASP A 26 -17.25 -1.01 -5.06
CA ASP A 26 -17.64 -2.06 -5.99
C ASP A 26 -16.43 -2.69 -6.64
N MET A 27 -15.48 -1.85 -7.10
CA MET A 27 -14.27 -2.37 -7.74
C MET A 27 -13.58 -3.37 -6.85
N ALA A 28 -13.42 -3.04 -5.57
CA ALA A 28 -12.73 -3.93 -4.65
C ALA A 28 -13.51 -5.21 -4.44
N ALA A 29 -14.84 -5.13 -4.32
CA ALA A 29 -15.64 -6.34 -4.16
C ALA A 29 -15.54 -7.25 -5.38
N PHE A 30 -15.54 -6.65 -6.59
CA PHE A 30 -15.38 -7.47 -7.79
C PHE A 30 -14.01 -8.14 -7.81
N MET A 31 -12.96 -7.40 -7.44
CA MET A 31 -11.63 -7.98 -7.48
C MET A 31 -11.44 -9.04 -6.40
N LYS A 32 -12.02 -8.84 -5.21
CA LYS A 32 -12.03 -9.90 -4.20
C LYS A 32 -12.70 -11.16 -4.75
N GLY A 33 -13.84 -11.00 -5.43
CA GLY A 33 -14.48 -12.12 -6.06
C GLY A 33 -13.58 -12.82 -7.06
N ALA A 34 -12.85 -12.03 -7.87
CA ALA A 34 -11.94 -12.62 -8.83
C ALA A 34 -10.81 -13.39 -8.15
N VAL A 35 -10.21 -12.81 -7.11
CA VAL A 35 -9.16 -13.53 -6.38
C VAL A 35 -9.68 -14.85 -5.86
N GLU A 36 -10.90 -14.84 -5.29
CA GLU A 36 -11.44 -16.03 -4.67
C GLU A 36 -11.79 -17.14 -5.66
N LYS A 37 -11.72 -16.87 -6.97
CA LYS A 37 -11.83 -17.94 -7.95
C LYS A 37 -10.66 -18.92 -7.84
N GLY A 38 -9.55 -18.49 -7.23
CA GLY A 38 -8.45 -19.39 -6.94
C GLY A 38 -7.33 -19.41 -7.95
N GLU A 39 -7.50 -18.76 -9.10
CA GLU A 39 -6.44 -18.70 -10.10
C GLU A 39 -5.50 -17.54 -9.79
N GLU A 40 -4.27 -17.65 -10.26
CA GLU A 40 -3.31 -16.56 -10.14
C GLU A 40 -3.81 -15.34 -10.92
N LEU A 41 -3.28 -14.17 -10.57
CA LEU A 41 -3.66 -12.91 -11.21
C LEU A 41 -2.56 -12.50 -12.17
N SER A 42 -2.96 -11.98 -13.32
CA SER A 42 -2.04 -11.35 -14.24
C SER A 42 -1.56 -9.99 -13.69
N CYS A 43 -0.58 -9.40 -14.37
CA CYS A 43 -0.07 -8.10 -13.93
C CYS A 43 -1.19 -7.05 -13.90
N GLU A 44 -1.99 -6.99 -14.96
CA GLU A 44 -3.09 -6.04 -15.00
C GLU A 44 -4.07 -6.29 -13.87
N GLU A 45 -4.40 -7.56 -13.62
CA GLU A 45 -5.36 -7.89 -12.57
C GLU A 45 -4.81 -7.55 -11.18
N ARG A 46 -3.51 -7.76 -10.95
CA ARG A 46 -2.92 -7.37 -9.68
C ARG A 46 -3.05 -5.88 -9.46
N ASN A 47 -2.84 -5.10 -10.52
CA ASN A 47 -2.97 -3.66 -10.38
C ASN A 47 -4.41 -3.23 -10.15
N LEU A 48 -5.39 -3.91 -10.75
CA LEU A 48 -6.78 -3.61 -10.45
C LEU A 48 -7.09 -3.86 -8.98
N LEU A 49 -6.60 -4.98 -8.45
CA LEU A 49 -6.82 -5.29 -7.04
C LEU A 49 -6.23 -4.22 -6.14
N SER A 50 -4.99 -3.81 -6.40
N SER A 50 -4.98 -3.82 -6.42
CA SER A 50 -4.34 -2.84 -5.53
CA SER A 50 -4.27 -2.84 -5.60
C SER A 50 -4.93 -1.44 -5.66
C SER A 50 -4.95 -1.48 -5.67
N VAL A 51 -5.27 -1.02 -6.88
CA VAL A 51 -5.91 0.29 -7.05
C VAL A 51 -7.25 0.33 -6.32
N ALA A 52 -8.03 -0.76 -6.43
CA ALA A 52 -9.36 -0.77 -5.82
C ALA A 52 -9.27 -0.61 -4.31
N TYR A 53 -8.48 -1.48 -3.67
CA TYR A 53 -8.38 -1.43 -2.22
C TYR A 53 -7.66 -0.18 -1.74
N LYS A 54 -6.72 0.36 -2.52
CA LYS A 54 -6.04 1.57 -2.06
C LYS A 54 -7.01 2.73 -2.02
N ASN A 55 -7.90 2.84 -2.99
CA ASN A 55 -8.89 3.89 -2.97
C ASN A 55 -9.85 3.72 -1.81
N VAL A 56 -10.29 2.49 -1.54
CA VAL A 56 -11.18 2.27 -0.40
C VAL A 56 -10.50 2.66 0.91
N VAL A 57 -9.33 2.10 1.18
N VAL A 57 -9.33 2.08 1.20
CA VAL A 57 -8.67 2.36 2.45
CA VAL A 57 -8.68 2.39 2.47
C VAL A 57 -8.17 3.80 2.53
C VAL A 57 -8.22 3.84 2.53
N GLY A 58 -7.91 4.44 1.38
CA GLY A 58 -7.47 5.82 1.38
C GLY A 58 -8.54 6.76 1.89
N GLY A 59 -9.79 6.52 1.48
CA GLY A 59 -10.89 7.30 2.03
C GLY A 59 -11.04 7.09 3.53
N GLN A 60 -10.91 5.83 3.98
CA GLN A 60 -11.04 5.55 5.41
C GLN A 60 -9.92 6.19 6.20
N ARG A 61 -8.68 6.13 5.69
CA ARG A 61 -7.55 6.72 6.37
C ARG A 61 -7.67 8.23 6.48
N ALA A 62 -8.10 8.88 5.40
CA ALA A 62 -8.27 10.33 5.46
C ALA A 62 -9.34 10.70 6.47
N ALA A 63 -10.44 9.94 6.51
CA ALA A 63 -11.50 10.21 7.47
C ALA A 63 -11.01 9.99 8.89
N TRP A 64 -10.26 8.90 9.11
CA TRP A 64 -9.70 8.61 10.43
C TRP A 64 -8.80 9.74 10.90
N ARG A 65 -7.97 10.30 10.00
CA ARG A 65 -7.09 11.39 10.41
C ARG A 65 -7.90 12.63 10.81
N VAL A 66 -8.96 12.94 10.07
CA VAL A 66 -9.83 14.08 10.43
C VAL A 66 -10.41 13.86 11.83
N LEU A 67 -10.96 12.68 12.07
CA LEU A 67 -11.62 12.39 13.34
C LEU A 67 -10.62 12.33 14.48
N SER A 68 -9.44 11.74 14.23
N SER A 68 -9.44 11.74 14.24
CA SER A 68 -8.41 11.68 15.26
CA SER A 68 -8.42 11.69 15.29
C SER A 68 -7.95 13.08 15.66
C SER A 68 -7.97 13.10 15.68
N SER A 69 -7.83 13.98 14.69
CA SER A 69 -7.44 15.36 14.99
C SER A 69 -8.49 16.05 15.86
N ILE A 70 -9.76 15.87 15.51
CA ILE A 70 -10.83 16.43 16.33
C ILE A 70 -10.78 15.86 17.74
N GLU A 71 -10.57 14.55 17.85
CA GLU A 71 -10.53 13.88 19.15
C GLU A 71 -9.38 14.40 19.99
N GLN A 72 -8.21 14.62 19.38
CA GLN A 72 -7.08 15.14 20.13
C GLN A 72 -7.35 16.57 20.61
N LYS A 73 -7.96 17.40 19.77
CA LYS A 73 -8.27 18.76 20.20
C LYS A 73 -9.25 18.77 21.36
N SER A 74 -10.23 17.84 21.34
CA SER A 74 -11.16 17.73 22.46
C SER A 74 -10.49 17.33 23.76
N ASN A 75 -9.31 16.70 23.69
CA ASN A 75 -8.58 16.27 24.86
C ASN A 75 -7.49 17.25 25.27
N GLU A 76 -7.58 18.50 24.84
CA GLU A 76 -6.68 19.55 25.29
C GLU A 76 -7.30 20.28 26.47
N GLU A 77 -6.44 20.93 27.26
CA GLU A 77 -6.93 21.73 28.39
C GLU A 77 -7.71 22.93 27.86
N GLY A 78 -8.88 23.17 28.44
CA GLY A 78 -9.75 24.24 28.02
C GLY A 78 -10.84 23.84 27.05
N SER A 79 -10.73 22.65 26.46
CA SER A 79 -11.76 22.17 25.53
C SER A 79 -12.98 21.69 26.31
N GLU A 80 -14.16 22.07 25.84
CA GLU A 80 -15.39 21.71 26.53
C GLU A 80 -15.68 20.22 26.31
N GLU A 81 -16.21 19.57 27.34
CA GLU A 81 -16.56 18.16 27.21
C GLU A 81 -17.78 18.02 26.33
N LYS A 82 -17.67 17.18 25.29
CA LYS A 82 -18.75 17.00 24.32
C LYS A 82 -19.29 15.58 24.32
N GLY A 83 -18.84 14.73 25.24
CA GLY A 83 -19.36 13.39 25.35
C GLY A 83 -18.55 12.38 24.58
N PRO A 84 -19.08 11.17 24.45
CA PRO A 84 -18.31 10.07 23.86
C PRO A 84 -18.39 10.02 22.34
N GLU A 85 -19.11 10.93 21.70
CA GLU A 85 -19.44 10.76 20.29
C GLU A 85 -18.23 10.80 19.37
N VAL A 86 -17.28 11.70 19.62
CA VAL A 86 -16.11 11.77 18.74
C VAL A 86 -15.32 10.48 18.81
N ARG A 87 -15.04 9.99 20.02
CA ARG A 87 -14.34 8.72 20.17
C ARG A 87 -15.11 7.58 19.52
N GLU A 88 -16.42 7.52 19.74
CA GLU A 88 -17.21 6.44 19.19
C GLU A 88 -17.13 6.43 17.67
N TYR A 89 -17.25 7.60 17.06
CA TYR A 89 -17.28 7.64 15.61
C TYR A 89 -15.89 7.40 15.02
N ARG A 90 -14.85 7.92 15.67
CA ARG A 90 -13.48 7.57 15.26
C ARG A 90 -13.26 6.06 15.36
N GLU A 91 -13.76 5.43 16.42
CA GLU A 91 -13.64 3.99 16.57
C GLU A 91 -14.41 3.24 15.48
N LYS A 92 -15.58 3.77 15.10
CA LYS A 92 -16.35 3.12 14.03
C LYS A 92 -15.57 3.13 12.74
N VAL A 93 -15.03 4.29 12.36
CA VAL A 93 -14.24 4.38 11.13
C VAL A 93 -13.00 3.50 11.24
N GLU A 94 -12.35 3.51 12.41
CA GLU A 94 -11.16 2.69 12.63
C GLU A 94 -11.45 1.21 12.46
N THR A 95 -12.57 0.74 13.01
CA THR A 95 -12.91 -0.68 12.91
C THR A 95 -13.19 -1.06 11.46
N GLU A 96 -13.86 -0.18 10.71
CA GLU A 96 -14.11 -0.46 9.31
C GLU A 96 -12.81 -0.52 8.52
N LEU A 97 -11.89 0.42 8.80
CA LEU A 97 -10.58 0.42 8.16
C LEU A 97 -9.82 -0.87 8.46
N GLN A 98 -9.81 -1.27 9.73
CA GLN A 98 -9.10 -2.50 10.10
C GLN A 98 -9.72 -3.70 9.39
N GLY A 99 -11.04 -3.70 9.22
CA GLY A 99 -11.68 -4.79 8.51
C GLY A 99 -11.24 -4.88 7.06
N VAL A 100 -11.09 -3.73 6.40
CA VAL A 100 -10.63 -3.76 5.02
C VAL A 100 -9.19 -4.26 4.95
N CYS A 101 -8.33 -3.79 5.87
CA CYS A 101 -6.95 -4.27 5.90
C CYS A 101 -6.91 -5.78 6.13
N ASP A 102 -7.73 -6.28 7.06
CA ASP A 102 -7.77 -7.71 7.34
C ASP A 102 -8.26 -8.47 6.12
N THR A 103 -9.20 -7.91 5.38
CA THR A 103 -9.67 -8.56 4.15
C THR A 103 -8.55 -8.70 3.13
N VAL A 104 -7.80 -7.61 2.90
CA VAL A 104 -6.71 -7.65 1.94
C VAL A 104 -5.63 -8.63 2.40
N LEU A 105 -5.24 -8.53 3.68
CA LEU A 105 -4.24 -9.46 4.21
C LEU A 105 -4.72 -10.90 4.09
N GLY A 106 -6.03 -11.13 4.27
CA GLY A 106 -6.57 -12.47 4.13
C GLY A 106 -6.44 -13.00 2.72
N LEU A 107 -6.69 -12.15 1.71
CA LEU A 107 -6.54 -12.57 0.33
C LEU A 107 -5.09 -12.90 0.03
N LEU A 108 -4.17 -12.08 0.54
CA LEU A 108 -2.74 -12.34 0.34
C LEU A 108 -2.33 -13.66 0.97
N ASP A 109 -2.85 -13.97 2.16
CA ASP A 109 -2.50 -15.19 2.85
C ASP A 109 -3.24 -16.41 2.33
N SER A 110 -4.36 -16.22 1.65
CA SER A 110 -5.21 -17.32 1.19
C SER A 110 -5.72 -16.99 -0.22
N HIS A 111 -4.86 -17.18 -1.24
CA HIS A 111 -3.57 -17.84 -1.17
C HIS A 111 -2.62 -17.18 -2.18
N LEU A 112 -2.73 -15.86 -2.34
CA LEU A 112 -1.99 -15.18 -3.41
C LEU A 112 -0.48 -15.30 -3.24
N ILE A 113 0.04 -15.06 -2.03
CA ILE A 113 1.49 -15.07 -1.85
C ILE A 113 2.07 -16.45 -2.09
N LYS A 114 1.46 -17.49 -1.54
CA LYS A 114 2.09 -18.80 -1.62
C LYS A 114 2.14 -19.32 -3.06
N GLU A 115 1.26 -18.87 -3.94
N GLU A 115 1.26 -18.87 -3.94
CA GLU A 115 1.30 -19.32 -5.33
CA GLU A 115 1.29 -19.31 -5.32
C GLU A 115 2.13 -18.41 -6.22
C GLU A 115 2.14 -18.42 -6.23
N ALA A 116 2.63 -17.28 -5.70
CA ALA A 116 3.37 -16.31 -6.50
C ALA A 116 4.85 -16.68 -6.52
N GLY A 117 5.32 -17.19 -7.66
CA GLY A 117 6.69 -17.64 -7.81
C GLY A 117 7.57 -16.70 -8.61
N ASP A 118 6.99 -15.96 -9.53
CA ASP A 118 7.80 -15.01 -10.28
C ASP A 118 8.08 -13.78 -9.42
N ALA A 119 9.25 -13.19 -9.63
CA ALA A 119 9.66 -12.05 -8.82
C ALA A 119 8.64 -10.92 -8.86
N GLU A 120 8.11 -10.61 -10.05
CA GLU A 120 7.20 -9.48 -10.18
C GLU A 120 5.93 -9.70 -9.36
N SER A 121 5.38 -10.91 -9.38
CA SER A 121 4.17 -11.13 -8.59
C SER A 121 4.48 -11.20 -7.11
N ARG A 122 5.54 -11.92 -6.73
CA ARG A 122 5.84 -12.11 -5.31
C ARG A 122 6.18 -10.79 -4.64
N VAL A 123 7.02 -9.98 -5.28
CA VAL A 123 7.35 -8.66 -4.74
C VAL A 123 6.08 -7.79 -4.63
N PHE A 124 5.23 -7.80 -5.66
CA PHE A 124 3.99 -7.02 -5.63
C PHE A 124 3.16 -7.38 -4.41
N TYR A 125 2.96 -8.68 -4.15
CA TYR A 125 2.07 -9.08 -3.07
C TYR A 125 2.72 -8.83 -1.72
N LEU A 126 4.03 -9.02 -1.61
CA LEU A 126 4.70 -8.75 -0.34
C LEU A 126 4.71 -7.26 -0.03
N LYS A 127 4.88 -6.41 -1.05
CA LYS A 127 4.72 -4.97 -0.85
C LYS A 127 3.32 -4.66 -0.34
N MET A 128 2.30 -5.27 -0.94
N MET A 128 2.31 -5.28 -0.94
CA MET A 128 0.92 -5.06 -0.49
CA MET A 128 0.94 -5.06 -0.48
C MET A 128 0.77 -5.48 0.98
C MET A 128 0.77 -5.49 0.97
N LYS A 129 1.36 -6.62 1.35
CA LYS A 129 1.27 -7.07 2.73
C LYS A 129 1.91 -6.06 3.67
N GLY A 130 3.08 -5.53 3.29
CA GLY A 130 3.70 -4.48 4.09
C GLY A 130 2.81 -3.24 4.18
N ASP A 131 2.22 -2.84 3.07
CA ASP A 131 1.36 -1.64 3.05
C ASP A 131 0.17 -1.80 3.99
N TYR A 132 -0.49 -2.95 3.96
CA TYR A 132 -1.73 -3.09 4.74
C TYR A 132 -1.44 -3.32 6.22
N TYR A 133 -0.31 -3.96 6.56
CA TYR A 133 0.14 -3.92 7.95
C TYR A 133 0.52 -2.50 8.37
N ARG A 134 1.11 -1.73 7.45
CA ARG A 134 1.43 -0.34 7.77
C ARG A 134 0.17 0.47 8.08
N TYR A 135 -0.90 0.26 7.31
CA TYR A 135 -2.15 0.98 7.60
C TYR A 135 -2.74 0.55 8.94
N LEU A 136 -2.63 -0.74 9.29
CA LEU A 136 -3.01 -1.17 10.63
C LEU A 136 -2.12 -0.50 11.68
N ALA A 137 -0.83 -0.32 11.39
CA ALA A 137 0.07 0.31 12.36
C ALA A 137 -0.27 1.77 12.60
N GLU A 138 -0.80 2.45 11.58
CA GLU A 138 -1.15 3.87 11.72
C GLU A 138 -2.19 4.10 12.80
N VAL A 139 -3.05 3.10 13.05
CA VAL A 139 -4.15 3.25 14.00
C VAL A 139 -3.94 2.44 15.27
N ALA A 140 -2.86 1.66 15.35
CA ALA A 140 -2.63 0.76 16.46
C ALA A 140 -2.12 1.52 17.67
N THR A 141 -2.66 1.17 18.85
CA THR A 141 -2.26 1.79 20.11
C THR A 141 -2.09 0.80 21.25
N GLY A 142 -2.23 -0.50 21.00
CA GLY A 142 -2.29 -1.46 22.09
C GLY A 142 -1.16 -2.48 22.16
N ASP A 143 -1.46 -3.64 22.76
CA ASP A 143 -0.43 -4.63 23.07
C ASP A 143 0.22 -5.21 21.81
N ASP A 144 -0.48 -5.17 20.68
CA ASP A 144 0.03 -5.76 19.44
C ASP A 144 0.70 -4.77 18.52
N LYS A 145 0.83 -3.51 18.93
CA LYS A 145 1.38 -2.49 18.03
C LYS A 145 2.76 -2.89 17.53
N LYS A 146 3.63 -3.34 18.42
CA LYS A 146 4.98 -3.71 18.00
C LYS A 146 4.96 -4.88 17.02
N ARG A 147 4.08 -5.86 17.25
CA ARG A 147 4.03 -6.99 16.32
C ARG A 147 3.44 -6.58 14.98
N ILE A 148 2.49 -5.65 14.96
CA ILE A 148 1.95 -5.16 13.68
C ILE A 148 3.05 -4.46 12.90
N ILE A 149 3.82 -3.60 13.56
CA ILE A 149 4.93 -2.91 12.92
C ILE A 149 5.94 -3.91 12.40
N ASP A 150 6.26 -4.95 13.19
CA ASP A 150 7.24 -5.89 12.71
C ASP A 150 6.72 -6.73 11.55
N SER A 151 5.42 -6.99 11.50
CA SER A 151 4.86 -7.71 10.37
C SER A 151 4.99 -6.89 9.09
N ALA A 152 4.75 -5.59 9.16
CA ALA A 152 4.97 -4.73 8.00
C ALA A 152 6.44 -4.78 7.58
N ARG A 153 7.34 -4.60 8.56
CA ARG A 153 8.77 -4.57 8.27
C ARG A 153 9.21 -5.87 7.61
N SER A 154 8.77 -7.01 8.15
CA SER A 154 9.19 -8.30 7.63
C SER A 154 8.72 -8.51 6.19
N ALA A 155 7.48 -8.11 5.89
CA ALA A 155 6.98 -8.25 4.52
C ALA A 155 7.76 -7.36 3.56
N TYR A 156 7.96 -6.10 3.94
CA TYR A 156 8.74 -5.19 3.11
C TYR A 156 10.15 -5.71 2.91
N GLN A 157 10.76 -6.27 3.97
CA GLN A 157 12.15 -6.72 3.86
C GLN A 157 12.28 -7.90 2.92
N GLU A 158 11.35 -8.86 2.99
CA GLU A 158 11.40 -9.97 2.04
C GLU A 158 11.21 -9.47 0.61
N ALA A 159 10.28 -8.53 0.40
CA ALA A 159 10.09 -7.95 -0.93
C ALA A 159 11.36 -7.25 -1.40
N MET A 160 12.01 -6.51 -0.51
N MET A 160 12.02 -6.51 -0.51
CA MET A 160 13.26 -5.82 -0.86
CA MET A 160 13.25 -5.84 -0.88
C MET A 160 14.33 -6.82 -1.27
C MET A 160 14.33 -6.83 -1.29
N ASP A 161 14.48 -7.90 -0.50
CA ASP A 161 15.53 -8.87 -0.79
C ASP A 161 15.32 -9.51 -2.16
N ILE A 162 14.08 -9.89 -2.49
CA ILE A 162 13.80 -10.44 -3.80
C ILE A 162 14.03 -9.40 -4.89
N SER A 163 13.55 -8.17 -4.68
CA SER A 163 13.63 -7.16 -5.72
C SER A 163 15.08 -6.83 -6.06
N LYS A 164 15.96 -6.80 -5.05
CA LYS A 164 17.35 -6.47 -5.32
C LYS A 164 18.06 -7.60 -6.06
N LYS A 165 17.70 -8.85 -5.78
N LYS A 165 17.67 -8.84 -5.80
CA LYS A 165 18.30 -9.97 -6.48
CA LYS A 165 18.30 -9.97 -6.48
C LYS A 165 17.77 -10.12 -7.90
C LYS A 165 17.76 -10.19 -7.88
N GLU A 166 16.47 -9.91 -8.12
CA GLU A 166 15.80 -10.37 -9.33
C GLU A 166 15.33 -9.27 -10.28
N MET A 167 15.39 -8.00 -9.89
CA MET A 167 14.87 -6.91 -10.70
C MET A 167 15.93 -5.86 -10.92
N PRO A 168 15.89 -5.16 -12.05
CA PRO A 168 16.77 -4.01 -12.25
C PRO A 168 16.38 -2.86 -11.34
N PRO A 169 17.32 -1.96 -11.04
CA PRO A 169 17.04 -0.87 -10.10
C PRO A 169 16.01 0.12 -10.61
N THR A 170 15.68 0.11 -11.90
CA THR A 170 14.64 0.98 -12.45
C THR A 170 13.26 0.34 -12.49
N ASN A 171 13.13 -0.93 -12.10
CA ASN A 171 11.84 -1.60 -12.21
C ASN A 171 10.80 -0.85 -11.37
N PRO A 172 9.66 -0.47 -11.97
CA PRO A 172 8.69 0.35 -11.22
C PRO A 172 8.16 -0.30 -9.95
N ILE A 173 8.05 -1.64 -9.91
CA ILE A 173 7.61 -2.31 -8.68
C ILE A 173 8.66 -2.12 -7.59
N ARG A 174 9.93 -2.35 -7.95
CA ARG A 174 11.02 -2.15 -7.01
C ARG A 174 11.06 -0.71 -6.51
N LEU A 175 10.86 0.25 -7.42
CA LEU A 175 10.90 1.65 -7.01
C LEU A 175 9.77 2.00 -6.06
N GLY A 176 8.54 1.54 -6.35
CA GLY A 176 7.43 1.86 -5.47
C GLY A 176 7.51 1.17 -4.13
N LEU A 177 8.04 -0.06 -4.13
CA LEU A 177 8.33 -0.74 -2.87
C LEU A 177 9.29 0.08 -2.01
N ALA A 178 10.38 0.56 -2.62
CA ALA A 178 11.35 1.35 -1.87
C ALA A 178 10.74 2.65 -1.37
N LEU A 179 9.93 3.31 -2.21
CA LEU A 179 9.23 4.52 -1.78
C LEU A 179 8.42 4.27 -0.52
N ASN A 180 7.61 3.20 -0.55
CA ASN A 180 6.71 2.93 0.57
C ASN A 180 7.46 2.44 1.81
N PHE A 181 8.49 1.61 1.63
CA PHE A 181 9.25 1.14 2.78
C PHE A 181 10.02 2.29 3.41
N SER A 182 10.46 3.23 2.59
CA SER A 182 11.10 4.43 3.12
C SER A 182 10.13 5.24 3.98
N VAL A 183 8.88 5.39 3.51
CA VAL A 183 7.87 6.08 4.32
C VAL A 183 7.59 5.30 5.61
N PHE A 184 7.51 3.98 5.54
CA PHE A 184 7.40 3.15 6.75
C PHE A 184 8.50 3.51 7.74
N HIS A 185 9.76 3.55 7.28
CA HIS A 185 10.86 3.90 8.19
C HIS A 185 10.65 5.28 8.79
N TYR A 186 10.24 6.25 7.96
CA TYR A 186 10.18 7.63 8.42
C TYR A 186 9.11 7.81 9.49
N GLU A 187 7.90 7.31 9.23
CA GLU A 187 6.77 7.73 10.04
C GLU A 187 6.16 6.62 10.89
N ILE A 188 6.52 5.35 10.68
CA ILE A 188 6.07 4.24 11.51
C ILE A 188 7.17 3.74 12.45
N ALA A 189 8.38 3.53 11.92
CA ALA A 189 9.47 2.94 12.69
C ALA A 189 10.34 3.99 13.37
N ASN A 190 10.02 5.27 13.23
CA ASN A 190 10.81 6.33 13.89
C ASN A 190 12.27 6.25 13.47
N SER A 191 12.51 6.01 12.18
CA SER A 191 13.87 5.87 11.64
C SER A 191 14.02 6.78 10.43
N PRO A 192 13.99 8.09 10.63
CA PRO A 192 14.10 9.00 9.47
C PRO A 192 15.41 8.85 8.73
N GLU A 193 16.52 8.57 9.41
CA GLU A 193 17.78 8.40 8.68
C GLU A 193 17.74 7.19 7.75
N GLU A 194 17.15 6.08 8.19
CA GLU A 194 16.99 4.93 7.32
C GLU A 194 16.08 5.27 6.15
N ALA A 195 15.02 6.02 6.40
CA ALA A 195 14.10 6.44 5.33
C ALA A 195 14.83 7.25 4.27
N ILE A 196 15.66 8.20 4.72
CA ILE A 196 16.38 9.06 3.79
C ILE A 196 17.44 8.28 3.03
N SER A 197 18.19 7.43 3.73
N SER A 197 18.19 7.43 3.73
CA SER A 197 19.20 6.58 3.08
CA SER A 197 19.20 6.61 3.06
C SER A 197 18.56 5.71 2.01
C SER A 197 18.58 5.70 2.01
N LEU A 198 17.46 5.06 2.34
CA LEU A 198 16.81 4.18 1.38
C LEU A 198 16.34 4.96 0.15
N ALA A 199 15.69 6.11 0.36
CA ALA A 199 15.20 6.87 -0.78
C ALA A 199 16.33 7.36 -1.66
N LYS A 200 17.43 7.81 -1.04
CA LYS A 200 18.55 8.36 -1.81
C LYS A 200 19.27 7.27 -2.61
N THR A 201 19.58 6.16 -1.95
N THR A 201 19.59 6.15 -1.97
CA THR A 201 20.22 5.03 -2.61
CA THR A 201 20.24 5.07 -2.71
C THR A 201 19.36 4.48 -3.74
C THR A 201 19.35 4.53 -3.82
N THR A 202 18.05 4.38 -3.53
CA THR A 202 17.15 3.88 -4.56
C THR A 202 17.14 4.83 -5.75
N PHE A 203 17.05 6.13 -5.48
CA PHE A 203 17.05 7.13 -6.56
C PHE A 203 18.34 7.05 -7.36
N ASP A 204 19.48 7.00 -6.67
CA ASP A 204 20.76 7.08 -7.35
C ASP A 204 21.02 5.84 -8.19
N GLU A 205 20.67 4.67 -7.67
CA GLU A 205 20.85 3.45 -8.45
C GLU A 205 19.92 3.40 -9.66
N ALA A 206 18.71 3.92 -9.51
CA ALA A 206 17.83 3.99 -10.67
C ALA A 206 18.36 4.96 -11.72
N MET A 207 18.84 6.13 -11.29
N MET A 207 18.84 6.13 -11.29
CA MET A 207 19.41 7.10 -12.22
CA MET A 207 19.43 7.10 -12.23
C MET A 207 20.48 6.47 -13.10
C MET A 207 20.47 6.43 -13.12
N ALA A 208 21.37 5.67 -12.50
CA ALA A 208 22.46 5.05 -13.23
C ALA A 208 22.03 3.97 -14.22
N ASP A 209 20.78 3.49 -14.15
CA ASP A 209 20.30 2.41 -15.00
C ASP A 209 19.31 2.93 -16.05
N LEU A 210 18.98 4.23 -16.01
CA LEU A 210 18.01 4.77 -16.96
C LEU A 210 18.47 4.63 -18.41
N HIS A 211 19.78 4.63 -18.65
CA HIS A 211 20.31 4.57 -20.01
C HIS A 211 19.94 3.28 -20.73
N THR A 212 19.51 2.25 -20.00
CA THR A 212 19.18 0.96 -20.59
C THR A 212 17.75 0.90 -21.09
N LEU A 213 16.94 1.92 -20.84
CA LEU A 213 15.49 1.84 -21.00
C LEU A 213 15.00 2.47 -22.29
N SER A 214 13.89 1.94 -22.80
CA SER A 214 13.11 2.57 -23.84
C SER A 214 12.50 3.87 -23.32
N GLU A 215 11.96 4.68 -24.24
CA GLU A 215 11.28 5.91 -23.85
C GLU A 215 10.12 5.64 -22.89
N ASP A 216 9.33 4.60 -23.16
CA ASP A 216 8.16 4.36 -22.32
C ASP A 216 8.57 3.84 -20.94
N SER A 217 9.57 2.97 -20.87
CA SER A 217 10.06 2.51 -19.56
C SER A 217 10.69 3.67 -18.79
N TYR A 218 11.45 4.52 -19.50
CA TYR A 218 12.03 5.70 -18.88
C TYR A 218 10.97 6.57 -18.23
N LYS A 219 9.85 6.77 -18.92
CA LYS A 219 8.76 7.56 -18.36
C LYS A 219 8.22 6.92 -17.08
N ASP A 220 8.01 5.60 -17.10
CA ASP A 220 7.51 4.92 -15.90
C ASP A 220 8.46 5.08 -14.73
N SER A 221 9.75 4.85 -14.96
CA SER A 221 10.72 4.87 -13.86
C SER A 221 10.94 6.28 -13.32
N THR A 222 11.06 7.26 -14.21
CA THR A 222 11.32 8.62 -13.74
C THR A 222 10.16 9.19 -12.97
N LEU A 223 8.93 8.77 -13.28
CA LEU A 223 7.77 9.23 -12.50
C LEU A 223 7.91 8.84 -11.03
N ILE A 224 8.26 7.58 -10.77
CA ILE A 224 8.40 7.15 -9.38
C ILE A 224 9.65 7.73 -8.74
N MET A 225 10.72 7.88 -9.53
CA MET A 225 11.92 8.53 -9.02
C MET A 225 11.62 9.94 -8.54
N GLN A 226 10.72 10.65 -9.24
CA GLN A 226 10.34 11.99 -8.80
C GLN A 226 9.64 11.96 -7.46
N LEU A 227 8.85 10.91 -7.18
CA LEU A 227 8.24 10.79 -5.86
C LEU A 227 9.29 10.57 -4.77
N LEU A 228 10.32 9.76 -5.06
CA LEU A 228 11.41 9.63 -4.10
C LEU A 228 12.08 10.97 -3.84
N ARG A 229 12.32 11.74 -4.90
CA ARG A 229 12.92 13.07 -4.74
C ARG A 229 12.00 14.00 -3.97
N ASP A 230 10.69 13.93 -4.24
CA ASP A 230 9.74 14.76 -3.51
C ASP A 230 9.82 14.47 -2.01
N ASN A 231 9.88 13.20 -1.63
CA ASN A 231 9.97 12.88 -0.22
C ASN A 231 11.29 13.35 0.39
N LEU A 232 12.40 13.14 -0.32
CA LEU A 232 13.69 13.63 0.16
C LEU A 232 13.68 15.14 0.35
N THR A 233 13.04 15.87 -0.56
CA THR A 233 12.95 17.33 -0.41
C THR A 233 12.15 17.71 0.82
N LEU A 234 11.06 16.99 1.07
CA LEU A 234 10.26 17.23 2.27
C LEU A 234 11.03 16.93 3.54
N TRP A 235 11.92 15.95 3.51
CA TRP A 235 12.54 15.44 4.74
C TRP A 235 13.89 16.07 5.04
N THR A 236 14.43 16.88 4.13
CA THR A 236 15.75 17.45 4.29
C THR A 236 15.74 18.96 4.09
N GLY B 3 2.58 19.78 1.45
CA GLY B 3 2.62 18.58 0.61
C GLY B 3 2.83 17.31 1.42
N ARG B 4 1.87 16.40 1.34
CA ARG B 4 1.98 15.14 2.05
C ARG B 4 2.97 14.23 1.33
N ARG B 5 3.76 13.48 2.11
CA ARG B 5 4.73 12.57 1.52
C ARG B 5 4.02 11.55 0.62
N ALA B 6 4.75 11.06 -0.39
CA ALA B 6 4.16 10.17 -1.38
C ALA B 6 4.36 8.69 -1.06
N TPO B 7 3.28 7.92 -1.23
CA TPO B 7 3.31 6.45 -1.33
CB TPO B 7 2.78 5.77 -0.05
CG2 TPO B 7 3.74 5.99 1.13
OG1 TPO B 7 1.50 6.35 0.22
P TPO B 7 0.48 5.55 1.20
O1P TPO B 7 -0.93 6.13 0.79
O2P TPO B 7 0.81 5.87 2.61
O3P TPO B 7 0.55 4.01 0.89
C TPO B 7 2.48 6.02 -2.55
O TPO B 7 1.60 6.76 -3.00
N VAL B 8 2.76 4.84 -3.10
CA VAL B 8 2.03 4.35 -4.28
C VAL B 8 1.40 2.95 -4.08
N PRO B 9 0.25 2.70 -4.72
CA PRO B 9 -0.36 1.36 -4.66
C PRO B 9 -0.09 0.51 -5.90
N TRP B 10 0.19 1.15 -7.03
CA TRP B 10 0.35 0.46 -8.29
C TRP B 10 1.80 0.10 -8.57
N SER B 11 1.98 -0.86 -9.47
CA SER B 11 3.33 -1.18 -9.95
C SER B 11 3.79 -0.17 -10.98
N HIS B 12 2.90 0.23 -11.90
CA HIS B 12 3.23 1.17 -12.96
C HIS B 12 2.28 2.36 -12.98
MG MG C . -16.07 -20.04 -14.86
MG MG D . -10.03 0.51 18.12
MG MG E . 2.66 -19.69 -9.45
MG MG F . 14.72 -10.28 -13.54
#